data_2Y5I
#
_entry.id   2Y5I
#
_cell.length_a   75.611
_cell.length_b   132.250
_cell.length_c   58.209
_cell.angle_alpha   90.00
_cell.angle_beta   90.00
_cell.angle_gamma   90.00
#
_symmetry.space_group_name_H-M   'P 21 21 2'
#
loop_
_entity.id
_entity.type
_entity.pdbx_description
1 polymer 'S100 CALCIUM BINDING PROTEIN Z'
2 non-polymer 'CALCIUM ION'
3 non-polymer 'ISOPROPYL ALCOHOL'
4 water water
#
_entity_poly.entity_id   1
_entity_poly.type   'polypeptide(L)'
_entity_poly.pdbx_seq_one_letter_code
;MPSKLEGAMDALITVFHNYSGSEGDKYKLSKGELKELLNAELTDFLMSQKDPMLVEKIMNDLDSNKDNEVDFNEFVVLVA
ALTVACNDFFQEQQKKRSK
;
_entity_poly.pdbx_strand_id   A,B,C,D,E,F
#
loop_
_chem_comp.id
_chem_comp.type
_chem_comp.name
_chem_comp.formula
CA non-polymer 'CALCIUM ION' 'Ca 2'
IPA non-polymer 'ISOPROPYL ALCOHOL' 'C3 H8 O'
#
# COMPACT_ATOMS: atom_id res chain seq x y z
N SER A 3 -16.50 3.19 -3.64
CA SER A 3 -17.58 3.35 -4.65
C SER A 3 -18.94 3.50 -3.99
N LYS A 4 -19.83 4.21 -4.66
CA LYS A 4 -21.16 4.42 -4.10
C LYS A 4 -21.91 3.09 -3.92
N LEU A 5 -21.75 2.19 -4.88
CA LEU A 5 -22.44 0.92 -4.76
C LEU A 5 -21.94 0.09 -3.55
N GLU A 6 -20.64 0.01 -3.35
CA GLU A 6 -20.11 -0.87 -2.31
C GLU A 6 -20.33 -0.19 -0.94
N GLY A 7 -20.28 1.13 -0.92
CA GLY A 7 -20.84 1.85 0.24
C GLY A 7 -22.26 1.39 0.61
N ALA A 8 -23.14 1.28 -0.38
CA ALA A 8 -24.52 0.86 -0.13
C ALA A 8 -24.58 -0.56 0.40
N MET A 9 -23.77 -1.45 -0.19
CA MET A 9 -23.67 -2.86 0.20
C MET A 9 -23.19 -2.97 1.65
N ASP A 10 -22.13 -2.25 1.96
CA ASP A 10 -21.62 -2.19 3.34
C ASP A 10 -22.71 -1.79 4.31
N ALA A 11 -23.48 -0.77 3.93
CA ALA A 11 -24.61 -0.29 4.74
C ALA A 11 -25.70 -1.36 4.97
N LEU A 12 -25.99 -2.16 3.96
CA LEU A 12 -26.99 -3.23 4.13
C LEU A 12 -26.51 -4.18 5.18
N ILE A 13 -25.23 -4.52 5.09
CA ILE A 13 -24.63 -5.44 6.06
C ILE A 13 -24.63 -4.84 7.48
N THR A 14 -24.19 -3.60 7.59
CA THR A 14 -24.14 -2.89 8.90
C THR A 14 -25.52 -2.80 9.53
N VAL A 15 -26.50 -2.41 8.74
CA VAL A 15 -27.88 -2.26 9.28
C VAL A 15 -28.30 -3.58 9.89
N PHE A 16 -28.19 -4.66 9.12
CA PHE A 16 -28.59 -5.99 9.58
C PHE A 16 -27.95 -6.31 10.92
N HIS A 17 -26.64 -6.12 11.00
CA HIS A 17 -25.88 -6.50 12.19
C HIS A 17 -26.11 -5.51 13.35
N ASN A 18 -26.53 -4.30 13.05
CA ASN A 18 -26.97 -3.38 14.08
C ASN A 18 -28.15 -3.93 14.92
N TYR A 19 -29.01 -4.77 14.34
CA TYR A 19 -30.20 -5.29 15.04
C TYR A 19 -30.15 -6.79 15.37
N SER A 20 -29.33 -7.57 14.65
CA SER A 20 -29.37 -9.05 14.74
C SER A 20 -28.64 -9.61 15.97
N GLY A 21 -27.84 -8.77 16.63
CA GLY A 21 -27.01 -9.22 17.71
C GLY A 21 -27.52 -8.97 19.14
N SER A 22 -28.80 -8.61 19.30
CA SER A 22 -29.33 -8.40 20.63
C SER A 22 -29.61 -9.70 21.36
N GLU A 23 -30.02 -10.71 20.61
CA GLU A 23 -30.40 -11.97 21.24
C GLU A 23 -30.32 -13.12 20.26
N GLY A 24 -30.34 -14.32 20.82
CA GLY A 24 -30.29 -15.51 20.01
C GLY A 24 -29.10 -15.47 19.07
N ASP A 25 -29.23 -16.14 17.94
CA ASP A 25 -28.18 -16.08 16.92
C ASP A 25 -27.77 -14.63 16.63
N LYS A 26 -26.49 -14.38 16.67
CA LYS A 26 -25.93 -13.06 16.48
C LYS A 26 -26.11 -12.57 15.02
N TYR A 27 -26.25 -13.53 14.10
CA TYR A 27 -26.36 -13.27 12.68
C TYR A 27 -27.72 -13.57 12.09
N LYS A 28 -28.74 -13.70 12.93
CA LYS A 28 -30.12 -13.76 12.44
C LYS A 28 -31.00 -12.83 13.25
N LEU A 29 -32.06 -12.36 12.60
CA LEU A 29 -33.04 -11.53 13.26
C LEU A 29 -34.20 -12.34 13.85
N SER A 30 -34.43 -12.16 15.15
CA SER A 30 -35.64 -12.67 15.79
C SER A 30 -36.78 -11.79 15.32
N LYS A 31 -38.02 -12.21 15.56
CA LYS A 31 -39.21 -11.35 15.31
C LYS A 31 -39.02 -9.98 16.00
N GLY A 32 -38.54 -9.97 17.22
CA GLY A 32 -38.35 -8.71 17.98
C GLY A 32 -37.33 -7.79 17.33
N GLU A 33 -36.21 -8.37 16.93
CA GLU A 33 -35.15 -7.63 16.24
C GLU A 33 -35.62 -7.11 14.86
N LEU A 34 -36.33 -7.95 14.12
CA LEU A 34 -36.95 -7.57 12.87
C LEU A 34 -37.90 -6.37 13.08
N LYS A 35 -38.74 -6.44 14.10
CA LYS A 35 -39.73 -5.40 14.43
C LYS A 35 -38.98 -4.10 14.71
N GLU A 36 -37.91 -4.23 15.46
CA GLU A 36 -37.09 -3.12 15.79
C GLU A 36 -36.53 -2.46 14.53
N LEU A 37 -35.91 -3.28 13.67
CA LEU A 37 -35.39 -2.82 12.42
C LEU A 37 -36.48 -2.18 11.54
N LEU A 38 -37.63 -2.85 11.39
CA LEU A 38 -38.71 -2.29 10.58
C LEU A 38 -39.12 -0.88 11.07
N ASN A 39 -39.24 -0.74 12.40
CA ASN A 39 -39.75 0.46 12.99
C ASN A 39 -38.77 1.62 12.88
N ALA A 40 -37.48 1.30 12.96
CA ALA A 40 -36.46 2.34 12.88
C ALA A 40 -35.95 2.59 11.47
N GLU A 41 -36.02 1.60 10.58
CA GLU A 41 -35.35 1.70 9.26
C GLU A 41 -36.32 1.80 8.09
N LEU A 42 -37.54 1.28 8.25
CA LEU A 42 -38.54 1.22 7.19
C LEU A 42 -39.87 1.79 7.63
N THR A 43 -39.82 2.78 8.53
N THR A 43 -39.82 2.77 8.54
CA THR A 43 -41.00 3.34 9.16
CA THR A 43 -40.99 3.33 9.15
C THR A 43 -42.00 3.94 8.16
C THR A 43 -42.00 3.90 8.14
N ASP A 44 -41.51 4.50 7.05
CA ASP A 44 -42.37 5.03 6.02
C ASP A 44 -43.28 3.95 5.37
N PHE A 45 -42.74 2.73 5.23
CA PHE A 45 -43.53 1.59 4.75
C PHE A 45 -44.64 1.19 5.74
N LEU A 46 -44.46 1.50 7.01
CA LEU A 46 -45.52 1.31 8.01
C LEU A 46 -46.34 2.55 8.22
N MET A 47 -46.22 3.52 7.32
CA MET A 47 -46.88 4.81 7.45
C MET A 47 -46.70 5.40 8.84
N SER A 48 -45.49 5.22 9.36
CA SER A 48 -45.10 5.60 10.72
C SER A 48 -46.12 5.23 11.78
N GLN A 49 -46.84 4.13 11.54
CA GLN A 49 -47.68 3.50 12.53
C GLN A 49 -47.00 2.21 12.98
N LYS A 50 -47.49 1.81 14.15
CA LYS A 50 -47.20 0.55 14.76
C LYS A 50 -48.17 -0.43 14.19
N ASP A 51 -47.64 -1.49 13.59
CA ASP A 51 -48.44 -2.43 12.88
C ASP A 51 -47.91 -3.85 13.16
N PRO A 52 -48.16 -4.36 14.37
CA PRO A 52 -47.74 -5.71 14.77
C PRO A 52 -48.30 -6.85 13.91
N MET A 53 -49.57 -6.78 13.52
CA MET A 53 -50.10 -7.81 12.62
C MET A 53 -49.37 -7.77 11.28
N LEU A 54 -48.99 -6.59 10.81
CA LEU A 54 -48.24 -6.53 9.56
C LEU A 54 -46.82 -7.10 9.73
N VAL A 55 -46.18 -6.82 10.86
CA VAL A 55 -44.88 -7.40 11.17
C VAL A 55 -44.90 -8.93 11.20
N GLU A 56 -45.92 -9.45 11.85
CA GLU A 56 -46.15 -10.87 11.91
C GLU A 56 -46.17 -11.48 10.51
N LYS A 57 -46.89 -10.83 9.60
CA LYS A 57 -46.98 -11.32 8.23
C LYS A 57 -45.63 -11.17 7.52
N ILE A 58 -44.90 -10.08 7.78
CA ILE A 58 -43.56 -9.88 7.19
C ILE A 58 -42.60 -10.99 7.69
N MET A 59 -42.58 -11.21 9.00
CA MET A 59 -41.84 -12.34 9.62
C MET A 59 -42.14 -13.68 8.93
N ASN A 60 -43.43 -14.03 8.83
CA ASN A 60 -43.84 -15.26 8.15
C ASN A 60 -43.43 -15.34 6.67
N ASP A 61 -43.51 -14.24 5.93
CA ASP A 61 -43.15 -14.29 4.52
C ASP A 61 -41.63 -14.40 4.37
N LEU A 62 -40.88 -13.72 5.23
CA LEU A 62 -39.42 -13.72 5.10
C LEU A 62 -38.75 -14.98 5.63
N ASP A 63 -39.31 -15.60 6.67
CA ASP A 63 -38.73 -16.81 7.22
C ASP A 63 -39.08 -18.04 6.38
N SER A 64 -38.45 -18.14 5.21
CA SER A 64 -38.74 -19.23 4.26
C SER A 64 -38.42 -20.62 4.74
N ASN A 65 -37.38 -20.75 5.58
CA ASN A 65 -37.00 -22.07 6.05
C ASN A 65 -37.59 -22.39 7.41
N LYS A 66 -38.39 -21.47 7.96
CA LYS A 66 -39.19 -21.79 9.13
C LYS A 66 -38.35 -22.12 10.36
N ASP A 67 -37.23 -21.41 10.55
CA ASP A 67 -36.42 -21.57 11.79
C ASP A 67 -36.72 -20.49 12.84
N ASN A 68 -37.79 -19.75 12.60
CA ASN A 68 -38.23 -18.64 13.43
C ASN A 68 -37.23 -17.47 13.46
N GLU A 69 -36.38 -17.37 12.43
CA GLU A 69 -35.45 -16.22 12.32
C GLU A 69 -35.44 -15.75 10.90
N VAL A 70 -34.99 -14.51 10.72
CA VAL A 70 -34.74 -13.95 9.41
C VAL A 70 -33.22 -13.82 9.30
N ASP A 71 -32.60 -14.76 8.58
CA ASP A 71 -31.16 -14.67 8.34
C ASP A 71 -30.81 -13.61 7.30
N PHE A 72 -29.51 -13.47 7.01
CA PHE A 72 -29.14 -12.36 6.10
C PHE A 72 -29.67 -12.52 4.68
N ASN A 73 -29.64 -13.75 4.18
N ASN A 73 -29.63 -13.74 4.18
CA ASN A 73 -30.14 -14.05 2.84
CA ASN A 73 -30.15 -13.98 2.87
C ASN A 73 -31.64 -13.69 2.82
C ASN A 73 -31.62 -13.60 2.86
N GLU A 74 -32.35 -14.04 3.90
CA GLU A 74 -33.76 -13.75 3.98
C GLU A 74 -34.05 -12.26 4.06
N PHE A 75 -33.20 -11.52 4.79
CA PHE A 75 -33.30 -10.06 4.92
C PHE A 75 -33.09 -9.41 3.55
N VAL A 76 -32.12 -9.91 2.81
CA VAL A 76 -31.82 -9.36 1.49
C VAL A 76 -32.97 -9.54 0.51
N VAL A 77 -33.71 -10.62 0.65
CA VAL A 77 -34.93 -10.79 -0.09
C VAL A 77 -35.90 -9.61 0.15
N LEU A 78 -36.07 -9.22 1.41
CA LEU A 78 -36.84 -8.01 1.74
C LEU A 78 -36.33 -6.75 1.08
N VAL A 79 -35.04 -6.47 1.26
CA VAL A 79 -34.44 -5.27 0.73
C VAL A 79 -34.54 -5.20 -0.76
N ALA A 80 -34.31 -6.33 -1.45
CA ALA A 80 -34.42 -6.41 -2.91
C ALA A 80 -35.85 -6.15 -3.33
N ALA A 81 -36.81 -6.81 -2.71
CA ALA A 81 -38.22 -6.57 -3.11
C ALA A 81 -38.65 -5.07 -2.94
N LEU A 82 -38.30 -4.46 -1.79
CA LEU A 82 -38.70 -3.07 -1.54
C LEU A 82 -37.94 -2.09 -2.42
N THR A 83 -36.67 -2.36 -2.72
CA THR A 83 -35.93 -1.51 -3.66
C THR A 83 -36.48 -1.58 -5.08
N VAL A 84 -36.67 -2.79 -5.60
CA VAL A 84 -37.34 -2.94 -6.89
C VAL A 84 -38.67 -2.20 -6.91
N ALA A 85 -39.49 -2.36 -5.86
CA ALA A 85 -40.84 -1.73 -5.83
C ALA A 85 -40.71 -0.20 -5.89
N CYS A 86 -39.77 0.39 -5.12
CA CYS A 86 -39.47 1.85 -5.16
C CYS A 86 -38.92 2.35 -6.52
N ASN A 87 -37.99 1.59 -7.08
CA ASN A 87 -37.47 1.87 -8.41
C ASN A 87 -38.60 1.91 -9.41
N ASP A 88 -39.45 0.87 -9.37
N ASP A 88 -39.46 0.90 -9.37
CA ASP A 88 -40.61 0.75 -10.27
CA ASP A 88 -40.55 0.85 -10.30
C ASP A 88 -41.52 1.97 -10.09
C ASP A 88 -41.53 2.00 -10.10
N PHE A 89 -41.76 2.37 -8.85
CA PHE A 89 -42.57 3.56 -8.53
C PHE A 89 -42.04 4.82 -9.20
N PHE A 90 -40.75 5.05 -9.04
CA PHE A 90 -40.12 6.25 -9.59
C PHE A 90 -40.15 6.25 -11.12
N GLN A 91 -39.91 5.08 -11.71
CA GLN A 91 -39.98 4.93 -13.16
C GLN A 91 -41.39 5.21 -13.68
N GLU A 92 -42.42 4.71 -13.00
CA GLU A 92 -43.79 4.86 -13.50
C GLU A 92 -44.24 6.28 -13.34
N GLN A 93 -43.81 6.92 -12.24
CA GLN A 93 -44.06 8.34 -12.07
C GLN A 93 -43.45 9.15 -13.24
N GLN A 94 -42.24 8.84 -13.67
CA GLN A 94 -41.68 9.51 -14.85
C GLN A 94 -42.44 9.18 -16.13
N LYS A 95 -42.75 7.90 -16.36
CA LYS A 95 -43.51 7.46 -17.54
C LYS A 95 -44.85 8.21 -17.60
N LYS A 96 -45.58 8.22 -16.48
CA LYS A 96 -46.86 8.96 -16.37
C LYS A 96 -46.70 10.42 -16.78
N ARG A 97 -45.65 11.06 -16.32
CA ARG A 97 -45.38 12.47 -16.65
C ARG A 97 -45.13 12.72 -18.12
N SER A 98 -44.43 11.80 -18.79
CA SER A 98 -44.09 12.03 -20.18
C SER A 98 -45.26 11.81 -21.15
N LYS A 99 -46.46 11.57 -20.63
CA LYS A 99 -47.66 11.34 -21.48
C LYS A 99 -48.37 12.64 -21.89
N SER B 3 -33.19 7.12 7.04
CA SER B 3 -32.67 5.89 7.70
C SER B 3 -31.46 5.40 6.92
N LYS B 4 -30.53 4.80 7.63
CA LYS B 4 -29.37 4.18 6.97
C LYS B 4 -29.79 3.19 5.89
N LEU B 5 -30.75 2.32 6.23
CA LEU B 5 -31.21 1.32 5.24
C LEU B 5 -31.77 1.98 3.94
N GLU B 6 -32.65 2.93 4.10
CA GLU B 6 -33.29 3.57 2.96
C GLU B 6 -32.28 4.43 2.19
N GLY B 7 -31.33 5.05 2.90
CA GLY B 7 -30.18 5.66 2.23
C GLY B 7 -29.44 4.68 1.32
N ALA B 8 -29.24 3.46 1.79
CA ALA B 8 -28.56 2.44 0.98
C ALA B 8 -29.42 2.05 -0.22
N MET B 9 -30.74 1.89 0.00
CA MET B 9 -31.65 1.50 -1.09
C MET B 9 -31.69 2.57 -2.17
N ASP B 10 -31.76 3.82 -1.76
CA ASP B 10 -31.68 4.98 -2.64
C ASP B 10 -30.41 4.93 -3.49
N ALA B 11 -29.29 4.57 -2.85
CA ALA B 11 -27.96 4.50 -3.48
C ALA B 11 -27.97 3.42 -4.55
N LEU B 12 -28.67 2.30 -4.29
CA LEU B 12 -28.73 1.27 -5.29
C LEU B 12 -29.46 1.75 -6.57
N ILE B 13 -30.55 2.48 -6.36
CA ILE B 13 -31.32 3.03 -7.44
C ILE B 13 -30.49 4.08 -8.20
N THR B 14 -29.87 4.99 -7.50
CA THR B 14 -29.08 6.05 -8.12
C THR B 14 -27.91 5.46 -8.94
N VAL B 15 -27.21 4.45 -8.39
CA VAL B 15 -26.08 3.83 -9.11
C VAL B 15 -26.57 3.23 -10.40
N PHE B 16 -27.64 2.44 -10.37
CA PHE B 16 -28.14 1.84 -11.59
C PHE B 16 -28.50 2.88 -12.61
N HIS B 17 -29.25 3.90 -12.20
CA HIS B 17 -29.64 4.96 -13.09
C HIS B 17 -28.49 5.87 -13.50
N ASN B 18 -27.41 5.87 -12.72
CA ASN B 18 -26.18 6.58 -13.16
C ASN B 18 -25.57 6.01 -14.48
N TYR B 19 -25.82 4.73 -14.80
CA TYR B 19 -25.18 4.07 -15.94
C TYR B 19 -26.15 3.61 -17.00
N SER B 20 -27.44 3.53 -16.65
CA SER B 20 -28.45 2.91 -17.52
C SER B 20 -28.95 3.83 -18.59
N GLY B 21 -28.67 5.12 -18.48
CA GLY B 21 -29.28 6.09 -19.35
C GLY B 21 -28.42 6.57 -20.51
N SER B 22 -27.31 5.90 -20.78
CA SER B 22 -26.46 6.29 -21.90
C SER B 22 -27.02 5.95 -23.26
N GLU B 23 -27.68 4.82 -23.39
CA GLU B 23 -28.18 4.36 -24.67
C GLU B 23 -29.31 3.34 -24.42
N GLY B 24 -30.01 3.00 -25.48
CA GLY B 24 -31.13 2.08 -25.36
C GLY B 24 -32.14 2.53 -24.35
N ASP B 25 -32.73 1.56 -23.67
CA ASP B 25 -33.71 1.79 -22.64
C ASP B 25 -33.03 2.57 -21.57
N LYS B 26 -33.67 3.65 -21.16
CA LYS B 26 -33.14 4.48 -20.11
C LYS B 26 -33.08 3.74 -18.76
N TYR B 27 -33.92 2.72 -18.59
CA TYR B 27 -34.07 1.95 -17.34
C TYR B 27 -33.50 0.52 -17.40
N LYS B 28 -32.61 0.26 -18.35
CA LYS B 28 -31.88 -1.02 -18.47
C LYS B 28 -30.47 -0.78 -18.90
N LEU B 29 -29.61 -1.67 -18.44
CA LEU B 29 -28.20 -1.66 -18.76
C LEU B 29 -27.91 -2.52 -19.95
N SER B 30 -27.34 -1.90 -20.98
CA SER B 30 -26.70 -2.63 -22.05
CA SER B 30 -26.65 -2.57 -22.07
C SER B 30 -25.43 -3.33 -21.52
N LYS B 31 -24.87 -4.27 -22.29
CA LYS B 31 -23.59 -4.86 -21.94
C LYS B 31 -22.58 -3.73 -21.64
N GLY B 32 -22.56 -2.71 -22.50
CA GLY B 32 -21.62 -1.58 -22.37
C GLY B 32 -21.81 -0.79 -21.09
N GLU B 33 -23.06 -0.55 -20.76
CA GLU B 33 -23.41 0.19 -19.57
C GLU B 33 -23.07 -0.67 -18.38
N LEU B 34 -23.41 -1.95 -18.43
CA LEU B 34 -23.03 -2.83 -17.34
C LEU B 34 -21.50 -2.88 -17.13
N LYS B 35 -20.74 -2.88 -18.20
CA LYS B 35 -19.26 -2.88 -18.16
C LYS B 35 -18.73 -1.65 -17.40
N GLU B 36 -19.28 -0.49 -17.75
CA GLU B 36 -18.89 0.75 -17.11
C GLU B 36 -19.22 0.72 -15.63
N LEU B 37 -20.42 0.24 -15.30
CA LEU B 37 -20.79 0.11 -13.89
C LEU B 37 -19.85 -0.82 -13.15
N LEU B 38 -19.59 -2.00 -13.69
CA LEU B 38 -18.74 -2.97 -13.03
C LEU B 38 -17.34 -2.41 -12.83
N ASN B 39 -16.82 -1.76 -13.87
CA ASN B 39 -15.45 -1.23 -13.76
C ASN B 39 -15.37 -0.07 -12.76
N ALA B 40 -16.43 0.72 -12.67
CA ALA B 40 -16.43 1.88 -11.74
C ALA B 40 -16.84 1.55 -10.32
N GLU B 41 -17.74 0.58 -10.16
CA GLU B 41 -18.40 0.37 -8.85
C GLU B 41 -17.96 -0.93 -8.15
N LEU B 42 -17.46 -1.91 -8.91
CA LEU B 42 -17.15 -3.25 -8.34
C LEU B 42 -15.78 -3.68 -8.78
N THR B 43 -14.87 -2.73 -8.91
CA THR B 43 -13.59 -3.05 -9.51
C THR B 43 -12.76 -4.05 -8.68
N ASP B 44 -12.95 -4.03 -7.37
CA ASP B 44 -12.25 -4.96 -6.53
C ASP B 44 -12.65 -6.40 -6.83
N PHE B 45 -13.90 -6.61 -7.24
CA PHE B 45 -14.34 -7.95 -7.63
C PHE B 45 -13.65 -8.43 -8.88
N LEU B 46 -13.18 -7.48 -9.69
CA LEU B 46 -12.42 -7.77 -10.89
C LEU B 46 -10.92 -7.67 -10.65
N MET B 47 -10.50 -7.70 -9.37
CA MET B 47 -9.12 -7.46 -8.96
C MET B 47 -8.44 -6.28 -9.67
N SER B 48 -9.24 -5.22 -9.87
CA SER B 48 -8.84 -3.96 -10.47
C SER B 48 -8.20 -4.17 -11.83
N GLN B 49 -8.67 -5.20 -12.55
CA GLN B 49 -8.28 -5.51 -13.91
C GLN B 49 -9.49 -5.25 -14.77
N LYS B 50 -9.21 -5.01 -16.03
CA LYS B 50 -10.25 -5.01 -17.04
C LYS B 50 -10.35 -6.51 -17.37
N ASP B 51 -11.56 -7.02 -17.45
CA ASP B 51 -11.77 -8.45 -17.65
C ASP B 51 -13.04 -8.67 -18.50
N PRO B 52 -12.95 -8.33 -19.79
CA PRO B 52 -14.16 -8.42 -20.63
C PRO B 52 -14.72 -9.86 -20.75
N MET B 53 -13.86 -10.88 -20.73
CA MET B 53 -14.37 -12.24 -20.72
C MET B 53 -15.24 -12.51 -19.49
N LEU B 54 -14.86 -12.01 -18.32
CA LEU B 54 -15.72 -12.15 -17.12
C LEU B 54 -16.98 -11.29 -17.22
N VAL B 55 -16.90 -10.07 -17.77
CA VAL B 55 -18.09 -9.21 -17.94
C VAL B 55 -19.14 -9.93 -18.82
N GLU B 56 -18.65 -10.64 -19.84
CA GLU B 56 -19.51 -11.31 -20.80
C GLU B 56 -20.33 -12.37 -20.07
N LYS B 57 -19.64 -13.13 -19.21
CA LYS B 57 -20.28 -14.20 -18.44
C LYS B 57 -21.24 -13.57 -17.43
N ILE B 58 -20.82 -12.51 -16.77
CA ILE B 58 -21.71 -11.79 -15.88
C ILE B 58 -22.99 -11.33 -16.63
N MET B 59 -22.82 -10.73 -17.82
CA MET B 59 -23.96 -10.30 -18.63
C MET B 59 -24.88 -11.48 -18.88
N ASN B 60 -24.32 -12.59 -19.33
CA ASN B 60 -25.10 -13.76 -19.69
C ASN B 60 -25.84 -14.33 -18.50
N ASP B 61 -25.22 -14.29 -17.33
CA ASP B 61 -25.85 -14.77 -16.12
C ASP B 61 -26.97 -13.85 -15.64
N LEU B 62 -26.76 -12.55 -15.65
CA LEU B 62 -27.74 -11.62 -15.18
C LEU B 62 -28.96 -11.43 -16.09
N ASP B 63 -28.75 -11.66 -17.38
CA ASP B 63 -29.83 -11.42 -18.33
C ASP B 63 -30.65 -12.66 -18.47
N SER B 64 -31.41 -12.96 -17.42
CA SER B 64 -32.23 -14.18 -17.38
C SER B 64 -33.34 -14.18 -18.36
N ASN B 65 -33.87 -13.03 -18.77
CA ASN B 65 -34.98 -13.07 -19.75
C ASN B 65 -34.47 -12.93 -21.16
N LYS B 66 -33.15 -12.91 -21.32
CA LYS B 66 -32.54 -12.96 -22.63
C LYS B 66 -33.03 -11.82 -23.56
N ASP B 67 -33.15 -10.60 -23.02
CA ASP B 67 -33.48 -9.45 -23.87
C ASP B 67 -32.28 -8.57 -24.18
N ASN B 68 -31.10 -9.08 -23.87
CA ASN B 68 -29.85 -8.39 -24.06
C ASN B 68 -29.63 -7.14 -23.20
N GLU B 69 -30.30 -7.08 -22.05
CA GLU B 69 -30.21 -5.96 -21.16
C GLU B 69 -30.25 -6.53 -19.77
N VAL B 70 -29.76 -5.72 -18.84
CA VAL B 70 -29.87 -6.01 -17.44
C VAL B 70 -30.80 -4.94 -16.85
N ASP B 71 -32.03 -5.34 -16.56
CA ASP B 71 -33.02 -4.45 -15.94
C ASP B 71 -32.75 -4.31 -14.44
N PHE B 72 -33.50 -3.44 -13.78
CA PHE B 72 -33.26 -3.22 -12.34
C PHE B 72 -33.41 -4.46 -11.50
N ASN B 73 -34.43 -5.26 -11.76
N ASN B 73 -34.43 -5.28 -11.78
CA ASN B 73 -34.56 -6.48 -11.02
CA ASN B 73 -34.63 -6.56 -11.07
C ASN B 73 -33.33 -7.39 -11.22
C ASN B 73 -33.42 -7.49 -11.24
N GLU B 74 -32.92 -7.57 -12.48
CA GLU B 74 -31.73 -8.34 -12.76
C GLU B 74 -30.48 -7.77 -12.06
N PHE B 75 -30.30 -6.45 -12.08
CA PHE B 75 -29.19 -5.83 -11.38
C PHE B 75 -29.23 -6.11 -9.86
N VAL B 76 -30.42 -6.07 -9.27
CA VAL B 76 -30.51 -6.34 -7.82
C VAL B 76 -30.21 -7.83 -7.48
N VAL B 77 -30.43 -8.76 -8.41
CA VAL B 77 -29.99 -10.13 -8.22
C VAL B 77 -28.44 -10.15 -8.00
N LEU B 78 -27.72 -9.36 -8.77
CA LEU B 78 -26.25 -9.29 -8.65
C LEU B 78 -25.89 -8.65 -7.34
N VAL B 79 -26.51 -7.55 -7.01
CA VAL B 79 -26.17 -6.87 -5.78
C VAL B 79 -26.46 -7.74 -4.55
N ALA B 80 -27.58 -8.47 -4.58
CA ALA B 80 -27.98 -9.36 -3.48
C ALA B 80 -26.93 -10.42 -3.32
N ALA B 81 -26.65 -11.15 -4.40
CA ALA B 81 -25.64 -12.20 -4.40
C ALA B 81 -24.32 -11.70 -3.85
N LEU B 82 -23.82 -10.55 -4.35
CA LEU B 82 -22.50 -10.08 -3.88
C LEU B 82 -22.55 -9.66 -2.42
N THR B 83 -23.62 -9.01 -1.98
CA THR B 83 -23.70 -8.57 -0.59
C THR B 83 -23.78 -9.74 0.33
N VAL B 84 -24.59 -10.73 -0.05
CA VAL B 84 -24.67 -11.96 0.75
C VAL B 84 -23.29 -12.65 0.89
N ALA B 85 -22.56 -12.74 -0.21
CA ALA B 85 -21.20 -13.36 -0.22
C ALA B 85 -20.28 -12.57 0.70
N CYS B 86 -20.36 -11.24 0.62
CA CYS B 86 -19.51 -10.35 1.45
C CYS B 86 -19.87 -10.50 2.91
N ASN B 87 -21.16 -10.59 3.20
CA ASN B 87 -21.57 -10.75 4.61
C ASN B 87 -21.07 -12.08 5.16
N ASP B 88 -21.22 -13.13 4.36
N ASP B 88 -21.18 -13.13 4.37
CA ASP B 88 -20.72 -14.48 4.70
CA ASP B 88 -20.69 -14.43 4.83
C ASP B 88 -19.23 -14.43 5.00
C ASP B 88 -19.19 -14.40 5.06
N PHE B 89 -18.48 -13.65 4.23
CA PHE B 89 -17.03 -13.51 4.40
C PHE B 89 -16.72 -12.90 5.74
N PHE B 90 -17.43 -11.82 6.04
CA PHE B 90 -17.17 -11.12 7.27
C PHE B 90 -17.53 -11.97 8.50
N GLN B 91 -18.62 -12.72 8.39
CA GLN B 91 -19.03 -13.61 9.48
C GLN B 91 -18.03 -14.76 9.65
N GLU B 92 -17.56 -15.35 8.55
CA GLU B 92 -16.58 -16.46 8.68
C GLU B 92 -15.27 -15.96 9.20
N GLN B 93 -14.84 -14.76 8.81
CA GLN B 93 -13.63 -14.19 9.43
C GLN B 93 -13.80 -14.02 10.96
N GLN B 94 -14.96 -13.59 11.43
CA GLN B 94 -15.19 -13.52 12.89
C GLN B 94 -15.17 -14.91 13.55
N LYS B 95 -15.96 -15.84 13.02
CA LYS B 95 -15.96 -17.20 13.53
C LYS B 95 -14.55 -17.76 13.64
N LYS B 96 -13.78 -17.63 12.55
CA LYS B 96 -12.40 -18.14 12.49
C LYS B 96 -11.58 -17.60 13.67
N ARG B 97 -11.78 -16.32 13.96
CA ARG B 97 -10.98 -15.55 14.91
C ARG B 97 -11.19 -16.06 16.32
N SER B 98 -12.38 -16.61 16.58
CA SER B 98 -12.72 -17.20 17.85
C SER B 98 -12.40 -18.70 17.83
N PRO C 2 -10.77 4.50 1.09
CA PRO C 2 -10.30 3.51 2.06
C PRO C 2 -9.35 4.15 3.05
N SER C 3 -9.04 3.44 4.13
CA SER C 3 -7.94 3.81 5.00
C SER C 3 -6.63 3.62 4.26
N LYS C 4 -5.56 4.23 4.77
CA LYS C 4 -4.22 4.00 4.22
C LYS C 4 -3.91 2.48 4.21
N LEU C 5 -4.19 1.79 5.31
CA LEU C 5 -3.96 0.35 5.38
C LEU C 5 -4.74 -0.46 4.31
N GLU C 6 -6.03 -0.18 4.20
CA GLU C 6 -6.87 -0.89 3.25
C GLU C 6 -6.46 -0.62 1.80
N GLY C 7 -6.10 0.62 1.49
CA GLY C 7 -5.54 0.97 0.18
C GLY C 7 -4.27 0.17 -0.12
N ALA C 8 -3.42 -0.03 0.90
CA ALA C 8 -2.18 -0.79 0.74
C ALA C 8 -2.49 -2.27 0.45
N MET C 9 -3.44 -2.83 1.19
CA MET C 9 -3.93 -4.20 0.96
C MET C 9 -4.48 -4.41 -0.45
N ASP C 10 -5.34 -3.50 -0.87
N ASP C 10 -5.33 -3.50 -0.88
CA ASP C 10 -5.88 -3.51 -2.21
CA ASP C 10 -5.89 -3.57 -2.22
C ASP C 10 -4.72 -3.49 -3.22
C ASP C 10 -4.76 -3.43 -3.26
N ALA C 11 -3.73 -2.64 -2.95
CA ALA C 11 -2.62 -2.48 -3.86
C ALA C 11 -1.83 -3.79 -4.02
N LEU C 12 -1.63 -4.53 -2.95
CA LEU C 12 -0.96 -5.81 -3.05
C LEU C 12 -1.71 -6.75 -3.97
N ILE C 13 -3.03 -6.79 -3.84
CA ILE C 13 -3.86 -7.62 -4.69
C ILE C 13 -3.77 -7.17 -6.15
N THR C 14 -3.90 -5.86 -6.37
CA THR C 14 -3.89 -5.30 -7.76
C THR C 14 -2.55 -5.58 -8.45
N VAL C 15 -1.45 -5.36 -7.72
CA VAL C 15 -0.10 -5.59 -8.27
C VAL C 15 0.09 -7.06 -8.72
N PHE C 16 -0.24 -8.00 -7.88
CA PHE C 16 -0.14 -9.40 -8.20
C PHE C 16 -0.91 -9.75 -9.46
N HIS C 17 -2.18 -9.37 -9.48
CA HIS C 17 -3.09 -9.71 -10.56
C HIS C 17 -2.75 -8.94 -11.85
N ASN C 18 -2.05 -7.82 -11.73
CA ASN C 18 -1.52 -7.11 -12.88
C ASN C 18 -0.53 -7.95 -13.67
N TYR C 19 0.09 -8.92 -13.03
CA TYR C 19 1.12 -9.75 -13.68
C TYR C 19 0.81 -11.23 -13.79
N SER C 20 -0.15 -11.73 -13.02
CA SER C 20 -0.31 -13.17 -12.84
C SER C 20 -1.15 -13.77 -13.99
N GLY C 21 -1.73 -12.88 -14.80
CA GLY C 21 -2.71 -13.31 -15.78
C GLY C 21 -2.18 -13.45 -17.18
N SER C 22 -0.87 -13.38 -17.43
CA SER C 22 -0.35 -13.49 -18.78
C SER C 22 -0.38 -14.88 -19.34
N GLU C 23 -0.11 -15.87 -18.50
CA GLU C 23 0.02 -17.26 -18.93
C GLU C 23 -0.22 -18.19 -17.76
N GLY C 24 -0.44 -19.48 -18.02
CA GLY C 24 -0.67 -20.43 -16.96
C GLY C 24 -1.83 -20.04 -16.08
N ASP C 25 -1.77 -20.42 -14.82
CA ASP C 25 -2.82 -20.09 -13.91
C ASP C 25 -2.92 -18.58 -13.92
N LYS C 26 -4.16 -18.08 -14.06
CA LYS C 26 -4.43 -16.65 -13.97
C LYS C 26 -4.12 -16.11 -12.59
N TYR C 27 -4.12 -16.95 -11.56
CA TYR C 27 -3.94 -16.50 -10.15
C TYR C 27 -2.58 -16.91 -9.56
N LYS C 28 -1.63 -17.22 -10.40
CA LYS C 28 -0.25 -17.57 -9.93
C LYS C 28 0.73 -16.95 -10.89
N LEU C 29 1.88 -16.52 -10.34
CA LEU C 29 2.99 -15.97 -11.13
C LEU C 29 3.94 -17.08 -11.59
N SER C 30 4.12 -17.24 -12.92
CA SER C 30 5.21 -18.01 -13.45
C SER C 30 6.53 -17.27 -13.11
N LYS C 31 7.67 -17.91 -13.35
CA LYS C 31 8.96 -17.29 -13.20
C LYS C 31 9.02 -16.01 -14.06
N GLY C 32 8.52 -16.09 -15.30
CA GLY C 32 8.48 -14.93 -16.20
C GLY C 32 7.63 -13.78 -15.67
N GLU C 33 6.45 -14.09 -15.18
CA GLU C 33 5.55 -13.09 -14.67
C GLU C 33 6.15 -12.43 -13.43
N LEU C 34 6.80 -13.22 -12.57
CA LEU C 34 7.52 -12.73 -11.38
C LEU C 34 8.66 -11.86 -11.75
N LYS C 35 9.45 -12.26 -12.74
CA LYS C 35 10.52 -11.42 -13.25
C LYS C 35 9.94 -10.10 -13.73
N GLU C 36 8.84 -10.13 -14.46
CA GLU C 36 8.19 -8.90 -14.95
C GLU C 36 7.81 -8.02 -13.75
N LEU C 37 7.13 -8.61 -12.80
CA LEU C 37 6.75 -7.91 -11.58
C LEU C 37 7.92 -7.31 -10.85
N LEU C 38 8.96 -8.08 -10.64
CA LEU C 38 10.08 -7.57 -9.88
C LEU C 38 10.71 -6.38 -10.58
N ASN C 39 10.80 -6.45 -11.91
CA ASN C 39 11.51 -5.42 -12.64
C ASN C 39 10.69 -4.13 -12.75
N ALA C 40 9.38 -4.25 -12.84
CA ALA C 40 8.51 -3.08 -12.86
C ALA C 40 8.27 -2.51 -11.43
N GLU C 41 8.13 -3.37 -10.42
CA GLU C 41 7.71 -2.93 -9.10
C GLU C 41 8.83 -2.76 -8.07
N LEU C 42 9.99 -3.36 -8.25
CA LEU C 42 10.93 -3.46 -7.14
C LEU C 42 12.36 -3.18 -7.55
N THR C 43 12.54 -2.22 -8.45
CA THR C 43 13.85 -2.01 -9.07
C THR C 43 15.04 -1.78 -8.07
N ASP C 44 14.77 -1.10 -6.97
CA ASP C 44 15.84 -0.67 -6.06
C ASP C 44 16.55 -1.85 -5.38
N PHE C 45 15.81 -2.92 -5.08
CA PHE C 45 16.37 -4.06 -4.34
C PHE C 45 17.48 -4.78 -5.14
N LEU C 46 17.30 -4.83 -6.46
CA LEU C 46 18.28 -5.40 -7.41
C LEU C 46 19.33 -4.34 -7.81
N MET C 47 19.36 -3.23 -7.06
CA MET C 47 20.32 -2.10 -7.21
C MET C 47 20.36 -1.50 -8.62
N SER C 48 19.18 -1.51 -9.25
CA SER C 48 18.99 -1.20 -10.68
C SER C 48 19.88 -2.08 -11.58
N GLN C 49 20.05 -3.34 -11.15
CA GLN C 49 20.86 -4.30 -11.90
C GLN C 49 19.95 -5.46 -12.24
N LYS C 50 20.00 -5.87 -13.51
CA LYS C 50 19.37 -7.11 -13.93
C LYS C 50 20.15 -8.19 -13.21
N ASP C 51 19.48 -8.91 -12.31
CA ASP C 51 20.09 -10.13 -11.73
C ASP C 51 19.26 -11.39 -12.06
N PRO C 52 19.51 -12.00 -13.26
CA PRO C 52 18.88 -13.26 -13.72
C PRO C 52 19.10 -14.45 -12.78
N MET C 53 20.28 -14.48 -12.17
CA MET C 53 20.59 -15.47 -11.15
C MET C 53 19.66 -15.11 -9.98
N LEU C 54 19.62 -13.82 -9.64
CA LEU C 54 18.70 -13.25 -8.63
C LEU C 54 17.31 -13.85 -8.67
N VAL C 55 16.69 -13.86 -9.84
CA VAL C 55 15.27 -14.24 -9.95
C VAL C 55 15.00 -15.74 -9.80
N GLU C 56 15.90 -16.58 -10.31
CA GLU C 56 15.78 -18.04 -10.12
C GLU C 56 15.86 -18.34 -8.64
N LYS C 57 16.77 -17.68 -7.93
CA LYS C 57 16.91 -17.95 -6.51
C LYS C 57 15.68 -17.46 -5.74
N ILE C 58 15.13 -16.31 -6.09
CA ILE C 58 13.91 -15.79 -5.46
C ILE C 58 12.74 -16.81 -5.67
N MET C 59 12.62 -17.24 -6.92
CA MET C 59 11.60 -18.20 -7.32
C MET C 59 11.71 -19.47 -6.44
N ASN C 60 12.93 -20.00 -6.28
CA ASN C 60 13.17 -21.21 -5.49
C ASN C 60 12.85 -21.04 -4.00
N ASP C 61 13.18 -19.88 -3.46
CA ASP C 61 12.85 -19.54 -2.07
C ASP C 61 11.33 -19.35 -1.87
N LEU C 62 10.65 -18.71 -2.81
CA LEU C 62 9.22 -18.45 -2.63
C LEU C 62 8.30 -19.63 -2.93
N ASP C 63 8.69 -20.44 -3.89
CA ASP C 63 7.81 -21.54 -4.34
C ASP C 63 7.96 -22.73 -3.39
N SER C 64 7.40 -22.62 -2.20
CA SER C 64 7.66 -23.65 -1.22
C SER C 64 6.86 -24.92 -1.45
N ASN C 65 5.79 -24.89 -2.24
CA ASN C 65 5.08 -26.13 -2.53
C ASN C 65 5.59 -26.80 -3.82
N LYS C 66 6.57 -26.16 -4.47
CA LYS C 66 7.27 -26.81 -5.59
C LYS C 66 6.36 -27.03 -6.81
N ASP C 67 5.40 -26.13 -7.02
CA ASP C 67 4.52 -26.27 -8.18
C ASP C 67 5.02 -25.40 -9.33
N ASN C 68 6.21 -24.83 -9.16
CA ASN C 68 6.82 -24.00 -10.20
C ASN C 68 6.11 -22.65 -10.39
N GLU C 69 5.31 -22.25 -9.39
CA GLU C 69 4.61 -21.01 -9.46
C GLU C 69 4.70 -20.31 -8.14
N VAL C 70 4.45 -19.01 -8.16
CA VAL C 70 4.30 -18.21 -6.95
C VAL C 70 2.88 -17.76 -6.88
N ASP C 71 2.13 -18.40 -6.00
CA ASP C 71 0.74 -18.04 -5.74
C ASP C 71 0.70 -16.82 -4.85
N PHE C 72 -0.49 -16.30 -4.60
CA PHE C 72 -0.62 -15.04 -3.85
C PHE C 72 -0.07 -15.15 -2.42
N ASN C 73 -0.32 -16.25 -1.76
N ASN C 73 -0.40 -16.24 -1.74
CA ASN C 73 0.20 -16.41 -0.42
CA ASN C 73 0.17 -16.52 -0.43
C ASN C 73 1.74 -16.51 -0.38
C ASN C 73 1.69 -16.31 -0.53
N GLU C 74 2.32 -17.06 -1.43
CA GLU C 74 3.75 -17.07 -1.58
C GLU C 74 4.29 -15.68 -1.89
N PHE C 75 3.56 -14.94 -2.74
CA PHE C 75 3.92 -13.59 -3.05
C PHE C 75 3.85 -12.67 -1.82
N VAL C 76 2.83 -12.83 -0.98
CA VAL C 76 2.79 -12.00 0.26
C VAL C 76 3.93 -12.35 1.21
N VAL C 77 4.44 -13.57 1.13
CA VAL C 77 5.64 -13.94 1.92
C VAL C 77 6.81 -13.04 1.51
N LEU C 78 7.00 -12.88 0.19
CA LEU C 78 8.05 -12.01 -0.30
C LEU C 78 7.76 -10.59 0.17
N VAL C 79 6.52 -10.11 -0.01
CA VAL C 79 6.26 -8.74 0.29
C VAL C 79 6.46 -8.41 1.81
N ALA C 80 6.04 -9.33 2.66
CA ALA C 80 6.18 -9.24 4.13
C ALA C 80 7.69 -9.24 4.47
N ALA C 81 8.47 -10.17 3.88
CA ALA C 81 9.92 -10.22 4.15
C ALA C 81 10.60 -8.91 3.77
N LEU C 82 10.34 -8.41 2.58
CA LEU C 82 10.96 -7.16 2.18
C LEU C 82 10.53 -5.95 3.06
N THR C 83 9.27 -5.95 3.49
CA THR C 83 8.75 -4.80 4.23
C THR C 83 9.31 -4.75 5.64
N VAL C 84 9.34 -5.90 6.27
CA VAL C 84 9.98 -6.09 7.57
C VAL C 84 11.48 -5.70 7.52
N ALA C 85 12.19 -6.09 6.44
CA ALA C 85 13.60 -5.76 6.30
C ALA C 85 13.78 -4.24 6.22
N CYS C 86 12.89 -3.57 5.48
CA CYS C 86 12.93 -2.12 5.33
C CYS C 86 12.63 -1.44 6.67
N ASN C 87 11.62 -1.91 7.33
CA ASN C 87 11.23 -1.40 8.66
C ASN C 87 12.39 -1.55 9.63
N ASP C 88 13.01 -2.73 9.67
CA ASP C 88 14.11 -3.00 10.62
C ASP C 88 15.28 -2.05 10.33
N PHE C 89 15.54 -1.83 9.05
CA PHE C 89 16.59 -0.94 8.63
C PHE C 89 16.36 0.47 9.16
N PHE C 90 15.17 1.00 8.94
CA PHE C 90 14.83 2.32 9.42
C PHE C 90 14.89 2.42 10.97
N GLN C 91 14.35 1.42 11.66
CA GLN C 91 14.46 1.39 13.13
C GLN C 91 15.90 1.34 13.61
N GLU C 92 16.71 0.48 12.99
CA GLU C 92 18.12 0.41 13.33
C GLU C 92 18.86 1.74 13.11
N GLN C 93 18.62 2.43 11.97
CA GLN C 93 19.25 3.76 11.75
C GLN C 93 18.81 4.78 12.85
N GLN C 94 17.57 4.73 13.34
CA GLN C 94 17.18 5.65 14.47
C GLN C 94 17.86 5.28 15.78
N LYS C 95 17.88 4.00 16.11
CA LYS C 95 18.60 3.54 17.27
C LYS C 95 20.07 3.97 17.19
N LYS C 96 20.72 3.72 16.05
CA LYS C 96 22.12 4.18 15.89
C LYS C 96 22.26 5.68 16.18
N ARG C 97 21.35 6.44 15.63
CA ARG C 97 21.35 7.88 15.78
C ARG C 97 21.21 8.33 17.21
N SER C 98 20.32 7.66 17.93
CA SER C 98 19.91 8.05 19.27
C SER C 98 21.01 7.91 20.30
N LYS C 99 21.93 6.99 20.01
CA LYS C 99 23.10 6.78 20.84
C LYS C 99 24.26 7.65 20.29
N PRO D 2 6.94 6.26 -6.09
CA PRO D 2 7.48 4.97 -6.50
C PRO D 2 6.46 4.02 -7.16
N SER D 3 6.82 2.75 -7.24
CA SER D 3 5.93 1.75 -7.79
C SER D 3 4.71 1.58 -6.88
N LYS D 4 3.63 1.08 -7.44
CA LYS D 4 2.45 0.72 -6.63
C LYS D 4 2.83 -0.22 -5.47
N LEU D 5 3.69 -1.21 -5.74
CA LEU D 5 4.09 -2.13 -4.69
C LEU D 5 4.90 -1.42 -3.61
N GLU D 6 5.90 -0.64 -4.01
CA GLU D 6 6.72 0.10 -3.04
C GLU D 6 5.88 1.10 -2.25
N GLY D 7 4.93 1.76 -2.90
CA GLY D 7 3.99 2.62 -2.19
C GLY D 7 3.18 1.87 -1.13
N ALA D 8 2.67 0.68 -1.46
CA ALA D 8 1.97 -0.15 -0.48
C ALA D 8 2.87 -0.51 0.72
N MET D 9 4.11 -0.92 0.44
CA MET D 9 5.05 -1.31 1.49
C MET D 9 5.34 -0.14 2.42
N ASP D 10 5.55 1.03 1.83
N ASP D 10 5.54 1.03 1.84
CA ASP D 10 5.74 2.24 2.60
CA ASP D 10 5.78 2.22 2.64
C ASP D 10 4.53 2.51 3.49
C ASP D 10 4.52 2.54 3.49
N ALA D 11 3.34 2.31 2.92
CA ALA D 11 2.10 2.56 3.65
C ALA D 11 1.97 1.65 4.87
N LEU D 12 2.32 0.37 4.76
CA LEU D 12 2.33 -0.52 5.92
C LEU D 12 3.25 -0.04 7.05
N ILE D 13 4.45 0.44 6.69
CA ILE D 13 5.39 0.93 7.68
C ILE D 13 4.81 2.18 8.39
N THR D 14 4.35 3.13 7.60
CA THR D 14 3.76 4.40 8.08
C THR D 14 2.53 4.17 8.99
N VAL D 15 1.65 3.24 8.60
CA VAL D 15 0.41 2.98 9.36
C VAL D 15 0.80 2.41 10.74
N PHE D 16 1.62 1.38 10.76
CA PHE D 16 2.13 0.86 12.02
C PHE D 16 2.75 1.96 12.92
N HIS D 17 3.65 2.74 12.36
CA HIS D 17 4.37 3.74 13.14
C HIS D 17 3.50 4.93 13.49
N ASN D 18 2.40 5.13 12.77
CA ASN D 18 1.37 6.08 13.18
C ASN D 18 0.79 5.73 14.54
N TYR D 19 0.71 4.46 14.89
CA TYR D 19 0.04 4.08 16.16
C TYR D 19 0.94 3.51 17.25
N SER D 20 2.17 3.09 16.90
CA SER D 20 3.03 2.33 17.82
C SER D 20 3.76 3.26 18.80
N GLY D 21 3.73 4.56 18.56
CA GLY D 21 4.53 5.48 19.41
C GLY D 21 3.77 6.23 20.49
N SER D 22 2.56 5.80 20.86
CA SER D 22 1.86 6.48 21.94
C SER D 22 2.39 6.16 23.30
N GLU D 23 2.77 4.90 23.47
CA GLU D 23 3.20 4.41 24.77
C GLU D 23 4.14 3.22 24.60
N GLY D 24 4.85 2.87 25.68
CA GLY D 24 5.75 1.76 25.69
C GLY D 24 6.75 1.84 24.58
N ASP D 25 7.15 0.70 24.07
CA ASP D 25 8.13 0.65 22.98
C ASP D 25 7.51 1.42 21.84
N LYS D 26 8.25 2.41 21.32
CA LYS D 26 7.75 3.15 20.19
C LYS D 26 7.69 2.34 18.92
N TYR D 27 8.33 1.15 18.85
CA TYR D 27 8.24 0.30 17.68
C TYR D 27 7.34 -0.95 17.84
N LYS D 28 6.51 -0.97 18.88
CA LYS D 28 5.56 -2.05 19.09
C LYS D 28 4.20 -1.48 19.49
N LEU D 29 3.16 -2.19 19.06
CA LEU D 29 1.77 -1.90 19.38
C LEU D 29 1.35 -2.62 20.65
N SER D 30 1.03 -1.79 21.62
CA SER D 30 0.29 -2.21 22.81
CA SER D 30 0.29 -2.21 22.81
C SER D 30 -1.11 -2.64 22.37
N LYS D 31 -1.84 -3.34 23.24
CA LYS D 31 -3.23 -3.69 22.93
C LYS D 31 -4.05 -2.44 22.60
N GLY D 32 -3.80 -1.39 23.36
CA GLY D 32 -4.50 -0.12 23.22
C GLY D 32 -4.17 0.52 21.87
N GLU D 33 -2.89 0.57 21.52
CA GLU D 33 -2.48 1.14 20.25
C GLU D 33 -2.99 0.29 19.07
N LEU D 34 -3.06 -1.04 19.26
CA LEU D 34 -3.57 -1.95 18.23
C LEU D 34 -5.05 -1.70 18.02
N LYS D 35 -5.78 -1.61 19.12
CA LYS D 35 -7.21 -1.27 19.09
C LYS D 35 -7.42 0.00 18.29
N GLU D 36 -6.70 1.04 18.66
CA GLU D 36 -6.69 2.30 17.91
C GLU D 36 -6.41 2.14 16.41
N LEU D 37 -5.41 1.34 16.08
CA LEU D 37 -5.12 1.03 14.69
C LEU D 37 -6.27 0.32 14.00
N LEU D 38 -6.79 -0.74 14.60
CA LEU D 38 -7.83 -1.53 13.99
C LEU D 38 -9.08 -0.70 13.73
N ASN D 39 -9.49 0.09 14.73
CA ASN D 39 -10.66 0.93 14.59
C ASN D 39 -10.57 1.99 13.49
N ALA D 40 -9.41 2.66 13.38
CA ALA D 40 -9.18 3.70 12.37
C ALA D 40 -8.94 3.13 10.95
N GLU D 41 -8.36 1.93 10.85
CA GLU D 41 -7.83 1.41 9.57
C GLU D 41 -8.57 0.21 8.99
N LEU D 42 -9.28 -0.57 9.81
CA LEU D 42 -9.97 -1.79 9.35
C LEU D 42 -11.47 -1.84 9.74
N THR D 43 -12.20 -0.73 9.60
CA THR D 43 -13.65 -0.70 9.91
C THR D 43 -14.47 -1.97 9.52
N ASP D 44 -14.33 -2.42 8.29
CA ASP D 44 -15.25 -3.42 7.71
C ASP D 44 -15.19 -4.84 8.33
N PHE D 45 -14.04 -5.25 8.84
CA PHE D 45 -13.88 -6.62 9.33
C PHE D 45 -14.67 -6.91 10.63
N LEU D 46 -14.72 -5.92 11.53
CA LEU D 46 -15.53 -5.98 12.76
C LEU D 46 -16.99 -5.58 12.53
N MET D 47 -17.33 -5.33 11.25
CA MET D 47 -18.70 -5.11 10.78
C MET D 47 -19.30 -3.87 11.42
N SER D 48 -18.46 -2.83 11.48
CA SER D 48 -18.82 -1.56 12.13
C SER D 48 -19.51 -1.79 13.48
N GLN D 49 -19.10 -2.87 14.15
CA GLN D 49 -19.48 -3.14 15.52
C GLN D 49 -18.17 -3.08 16.33
N LYS D 50 -18.21 -2.29 17.40
CA LYS D 50 -17.09 -2.16 18.31
C LYS D 50 -17.08 -3.46 19.08
N ASP D 51 -16.05 -4.27 18.80
CA ASP D 51 -15.99 -5.62 19.35
C ASP D 51 -14.93 -5.69 20.46
N PRO D 52 -15.39 -5.87 21.72
CA PRO D 52 -14.44 -5.80 22.82
C PRO D 52 -13.60 -7.07 22.91
N MET D 53 -14.24 -8.24 22.94
CA MET D 53 -13.53 -9.52 22.90
C MET D 53 -12.62 -9.65 21.68
N LEU D 54 -13.14 -9.40 20.48
CA LEU D 54 -12.37 -9.66 19.26
C LEU D 54 -10.97 -9.05 19.28
N VAL D 55 -10.80 -7.89 19.92
CA VAL D 55 -9.48 -7.24 20.00
C VAL D 55 -8.50 -8.01 20.88
N GLU D 56 -9.05 -8.54 21.98
CA GLU D 56 -8.29 -9.35 22.94
C GLU D 56 -7.82 -10.64 22.28
N LYS D 57 -8.67 -11.22 21.45
CA LYS D 57 -8.33 -12.46 20.80
C LYS D 57 -7.34 -12.23 19.63
N ILE D 58 -7.51 -11.13 18.91
CA ILE D 58 -6.53 -10.75 17.88
C ILE D 58 -5.15 -10.52 18.54
N MET D 59 -5.15 -9.79 19.65
CA MET D 59 -3.93 -9.49 20.38
C MET D 59 -3.27 -10.83 20.72
N ASN D 60 -4.08 -11.75 21.25
CA ASN D 60 -3.62 -13.06 21.59
C ASN D 60 -3.09 -13.91 20.45
N ASP D 61 -3.77 -13.93 19.31
CA ASP D 61 -3.27 -14.69 18.19
C ASP D 61 -1.99 -14.07 17.58
N LEU D 62 -1.89 -12.75 17.60
CA LEU D 62 -0.75 -12.06 16.98
C LEU D 62 0.50 -11.98 17.84
N ASP D 63 0.33 -11.95 19.14
CA ASP D 63 1.50 -11.86 20.05
C ASP D 63 2.15 -13.24 20.27
N SER D 64 2.79 -13.75 19.25
N SER D 64 2.80 -13.72 19.22
CA SER D 64 3.34 -15.11 19.27
CA SER D 64 3.43 -15.04 19.19
C SER D 64 4.53 -15.26 20.22
C SER D 64 4.45 -15.21 20.29
N ASN D 65 5.26 -14.19 20.48
CA ASN D 65 6.37 -14.27 21.42
C ASN D 65 5.94 -13.91 22.85
N LYS D 66 4.63 -13.65 23.06
CA LYS D 66 4.10 -13.49 24.44
C LYS D 66 4.80 -12.35 25.22
N ASP D 67 5.22 -11.30 24.52
CA ASP D 67 5.70 -10.09 25.21
C ASP D 67 4.63 -9.02 25.47
N ASN D 68 3.37 -9.33 25.16
CA ASN D 68 2.23 -8.43 25.41
C ASN D 68 2.14 -7.23 24.45
N GLU D 69 2.82 -7.38 23.32
CA GLU D 69 2.90 -6.37 22.31
C GLU D 69 2.80 -7.00 20.95
N VAL D 70 2.50 -6.17 19.97
CA VAL D 70 2.48 -6.59 18.60
C VAL D 70 3.57 -5.77 17.89
N ASP D 71 4.71 -6.42 17.64
CA ASP D 71 5.80 -5.78 16.89
C ASP D 71 5.48 -5.77 15.38
N PHE D 72 6.33 -5.10 14.61
CA PHE D 72 6.07 -4.99 13.19
C PHE D 72 5.96 -6.31 12.48
N ASN D 73 6.81 -7.27 12.81
N ASN D 73 6.85 -7.27 12.78
CA ASN D 73 6.72 -8.56 12.18
CA ASN D 73 6.73 -8.62 12.24
C ASN D 73 5.43 -9.35 12.51
C ASN D 73 5.32 -9.16 12.45
N GLU D 74 4.89 -9.11 13.71
CA GLU D 74 3.64 -9.68 14.09
C GLU D 74 2.48 -8.89 13.43
N PHE D 75 2.60 -7.58 13.28
CA PHE D 75 1.59 -6.81 12.57
C PHE D 75 1.51 -7.27 11.10
N VAL D 76 2.65 -7.52 10.48
CA VAL D 76 2.61 -7.90 9.06
C VAL D 76 1.96 -9.29 8.90
N VAL D 77 2.11 -10.16 9.90
CA VAL D 77 1.40 -11.42 9.93
C VAL D 77 -0.14 -11.18 9.79
N LEU D 78 -0.67 -10.24 10.54
CA LEU D 78 -2.12 -9.92 10.43
C LEU D 78 -2.44 -9.35 9.05
N VAL D 79 -1.66 -8.37 8.59
CA VAL D 79 -1.92 -7.72 7.30
C VAL D 79 -1.94 -8.74 6.15
N ALA D 80 -0.97 -9.66 6.16
CA ALA D 80 -0.87 -10.75 5.18
C ALA D 80 -2.05 -11.69 5.25
N ALA D 81 -2.40 -12.13 6.46
CA ALA D 81 -3.55 -13.02 6.64
C ALA D 81 -4.85 -12.38 6.11
N LEU D 82 -5.09 -11.13 6.45
CA LEU D 82 -6.29 -10.45 6.00
C LEU D 82 -6.25 -10.26 4.46
N THR D 83 -5.07 -9.94 3.94
CA THR D 83 -4.91 -9.69 2.50
C THR D 83 -5.13 -10.96 1.69
N VAL D 84 -4.59 -12.06 2.17
CA VAL D 84 -4.79 -13.33 1.52
C VAL D 84 -6.25 -13.73 1.57
N ALA D 85 -6.87 -13.54 2.75
CA ALA D 85 -8.29 -13.80 2.93
C ALA D 85 -9.12 -13.08 1.88
N CYS D 86 -8.83 -11.80 1.66
CA CYS D 86 -9.60 -10.97 0.74
C CYS D 86 -9.35 -11.41 -0.72
N ASN D 87 -8.07 -11.62 -1.04
CA ASN D 87 -7.66 -12.17 -2.34
C ASN D 87 -8.38 -13.44 -2.65
N ASP D 88 -8.40 -14.38 -1.69
CA ASP D 88 -9.03 -15.70 -1.89
C ASP D 88 -10.53 -15.52 -2.12
N PHE D 89 -11.11 -14.56 -1.43
CA PHE D 89 -12.53 -14.29 -1.58
C PHE D 89 -12.89 -13.87 -3.01
N PHE D 90 -12.15 -12.87 -3.50
CA PHE D 90 -12.34 -12.37 -4.86
C PHE D 90 -12.09 -13.46 -5.93
N GLN D 91 -11.04 -14.25 -5.74
CA GLN D 91 -10.78 -15.36 -6.65
C GLN D 91 -11.94 -16.34 -6.65
N GLU D 92 -12.44 -16.65 -5.46
CA GLU D 92 -13.50 -17.64 -5.35
C GLU D 92 -14.80 -17.12 -5.96
N GLN D 93 -15.11 -15.83 -5.77
CA GLN D 93 -16.27 -15.23 -6.46
C GLN D 93 -16.14 -15.26 -8.01
N GLN D 94 -14.92 -15.03 -8.56
CA GLN D 94 -14.68 -15.24 -10.00
C GLN D 94 -14.88 -16.71 -10.46
N LYS D 95 -14.32 -17.66 -9.72
CA LYS D 95 -14.46 -19.08 -10.03
C LYS D 95 -15.94 -19.53 -10.00
N LYS D 96 -16.68 -19.10 -8.99
CA LYS D 96 -18.12 -19.35 -8.92
C LYS D 96 -18.83 -18.78 -10.15
N ARG D 97 -18.42 -17.59 -10.54
CA ARG D 97 -19.05 -16.90 -11.68
C ARG D 97 -18.75 -17.57 -12.99
N SER D 98 -17.54 -18.10 -13.08
CA SER D 98 -17.06 -18.73 -14.31
C SER D 98 -17.73 -20.06 -14.61
N LYS D 99 -18.36 -20.68 -13.60
CA LYS D 99 -19.07 -21.94 -13.78
C LYS D 99 -20.33 -21.65 -14.58
N PRO E 2 24.04 15.62 -17.29
CA PRO E 2 25.46 15.25 -17.44
C PRO E 2 25.63 13.73 -17.29
N SER E 3 26.83 13.31 -16.87
CA SER E 3 27.02 11.99 -16.29
C SER E 3 25.98 11.76 -15.17
N LYS E 4 25.66 10.50 -14.93
CA LYS E 4 24.72 10.15 -13.89
C LYS E 4 25.30 10.57 -12.56
N LEU E 5 26.61 10.43 -12.39
CA LEU E 5 27.22 10.77 -11.08
C LEU E 5 27.17 12.27 -10.83
N GLU E 6 27.53 13.06 -11.86
CA GLU E 6 27.54 14.53 -11.72
C GLU E 6 26.12 15.10 -11.63
N GLY E 7 25.17 14.42 -12.24
CA GLY E 7 23.77 14.69 -12.04
C GLY E 7 23.40 14.59 -10.55
N ALA E 8 23.87 13.54 -9.90
CA ALA E 8 23.57 13.26 -8.49
C ALA E 8 24.22 14.33 -7.57
N MET E 9 25.46 14.65 -7.89
CA MET E 9 26.27 15.63 -7.17
C MET E 9 25.58 17.00 -7.23
N ASP E 10 25.14 17.36 -8.42
CA ASP E 10 24.35 18.58 -8.63
C ASP E 10 23.13 18.64 -7.76
N ALA E 11 22.42 17.51 -7.71
CA ALA E 11 21.20 17.40 -6.91
C ALA E 11 21.47 17.56 -5.43
N LEU E 12 22.62 17.09 -4.93
CA LEU E 12 22.94 17.29 -3.53
C LEU E 12 23.13 18.79 -3.19
N ILE E 13 23.82 19.52 -4.05
CA ILE E 13 24.01 20.96 -3.90
C ILE E 13 22.65 21.67 -3.90
N THR E 14 21.81 21.33 -4.86
CA THR E 14 20.57 22.01 -5.08
C THR E 14 19.64 21.76 -3.94
N VAL E 15 19.57 20.52 -3.47
CA VAL E 15 18.73 20.20 -2.31
C VAL E 15 19.11 21.05 -1.09
N PHE E 16 20.39 21.08 -0.74
CA PHE E 16 20.86 21.86 0.36
C PHE E 16 20.46 23.32 0.22
N HIS E 17 20.77 23.89 -0.94
CA HIS E 17 20.47 25.27 -1.19
C HIS E 17 18.99 25.57 -1.35
N ASN E 18 18.18 24.57 -1.69
CA ASN E 18 16.70 24.72 -1.62
C ASN E 18 16.21 25.06 -0.22
N TYR E 19 16.92 24.65 0.82
CA TYR E 19 16.48 24.87 2.25
C TYR E 19 17.31 25.84 3.06
N SER E 20 18.53 26.12 2.63
CA SER E 20 19.49 26.84 3.48
C SER E 20 19.30 28.36 3.43
N GLY E 21 18.52 28.84 2.46
CA GLY E 21 18.37 30.25 2.26
C GLY E 21 17.14 30.91 2.82
N SER E 22 16.41 30.24 3.69
CA SER E 22 15.28 30.90 4.31
C SER E 22 15.65 31.97 5.32
N GLU E 23 16.70 31.75 6.09
CA GLU E 23 17.06 32.65 7.21
C GLU E 23 18.56 32.48 7.55
N GLY E 24 19.13 33.44 8.26
CA GLY E 24 20.54 33.32 8.62
C GLY E 24 21.47 33.20 7.41
N ASP E 25 22.58 32.51 7.60
CA ASP E 25 23.53 32.36 6.51
C ASP E 25 22.79 31.64 5.40
N LYS E 26 22.88 32.14 4.17
CA LYS E 26 22.10 31.44 3.12
C LYS E 26 22.77 30.15 2.68
N TYR E 27 24.01 29.94 3.11
CA TYR E 27 24.77 28.71 2.82
C TYR E 27 24.87 27.75 4.00
N LYS E 28 24.06 27.93 5.05
CA LYS E 28 24.01 26.98 6.20
C LYS E 28 22.59 26.73 6.58
N LEU E 29 22.34 25.54 7.10
CA LEU E 29 21.04 25.15 7.60
C LEU E 29 20.91 25.40 9.08
N SER E 30 19.90 26.20 9.42
CA SER E 30 19.43 26.29 10.79
CA SER E 30 19.38 26.29 10.78
C SER E 30 18.76 24.99 11.22
N LYS E 31 18.55 24.84 12.53
CA LYS E 31 17.76 23.70 12.99
C LYS E 31 16.40 23.67 12.25
N GLY E 32 15.77 24.81 12.09
CA GLY E 32 14.44 24.86 11.39
C GLY E 32 14.55 24.44 9.92
N GLU E 33 15.60 24.94 9.27
CA GLU E 33 15.81 24.60 7.86
C GLU E 33 16.15 23.11 7.74
N LEU E 34 16.96 22.59 8.65
CA LEU E 34 17.29 21.17 8.59
C LEU E 34 16.04 20.33 8.79
N LYS E 35 15.16 20.73 9.70
CA LYS E 35 13.86 20.05 9.96
C LYS E 35 12.99 20.01 8.70
N GLU E 36 12.92 21.15 8.01
CA GLU E 36 12.18 21.21 6.74
C GLU E 36 12.76 20.21 5.73
N LEU E 37 14.08 20.24 5.58
CA LEU E 37 14.77 19.30 4.70
C LEU E 37 14.53 17.83 5.08
N LEU E 38 14.71 17.50 6.36
CA LEU E 38 14.54 16.15 6.80
C LEU E 38 13.13 15.69 6.52
N ASN E 39 12.16 16.56 6.79
CA ASN E 39 10.76 16.19 6.63
C ASN E 39 10.30 16.05 5.19
N ALA E 40 10.87 16.80 4.27
CA ALA E 40 10.49 16.71 2.86
C ALA E 40 11.36 15.69 2.10
N GLU E 41 12.61 15.53 2.47
CA GLU E 41 13.55 14.77 1.65
C GLU E 41 13.89 13.41 2.24
N LEU E 42 13.75 13.23 3.56
CA LEU E 42 14.20 11.98 4.23
C LEU E 42 13.14 11.39 5.11
N THR E 43 11.88 11.60 4.77
N THR E 43 11.90 11.67 4.72
CA THR E 43 10.79 11.24 5.67
CA THR E 43 10.70 11.22 5.37
C THR E 43 10.69 9.72 5.92
C THR E 43 10.75 9.77 5.88
N ASP E 44 11.18 8.88 5.00
CA ASP E 44 11.16 7.42 5.26
C ASP E 44 12.11 7.03 6.41
N PHE E 45 13.21 7.75 6.56
CA PHE E 45 14.06 7.59 7.72
C PHE E 45 13.40 7.97 9.03
N LEU E 46 12.39 8.83 8.98
CA LEU E 46 11.59 9.25 10.13
C LEU E 46 10.30 8.47 10.23
N MET E 47 10.20 7.42 9.40
CA MET E 47 9.01 6.57 9.28
C MET E 47 7.73 7.38 9.04
N SER E 48 7.91 8.44 8.27
CA SER E 48 6.86 9.39 7.93
C SER E 48 6.19 9.94 9.17
N GLN E 49 6.94 10.02 10.27
CA GLN E 49 6.47 10.66 11.49
C GLN E 49 7.20 11.96 11.62
N LYS E 50 6.51 12.93 12.19
CA LYS E 50 7.20 14.12 12.68
C LYS E 50 7.92 13.57 13.91
N ASP E 51 9.21 13.85 14.02
CA ASP E 51 10.03 13.34 15.12
C ASP E 51 11.03 14.44 15.61
N PRO E 52 10.49 15.44 16.32
CA PRO E 52 11.33 16.58 16.66
C PRO E 52 12.51 16.20 17.58
N MET E 53 12.31 15.30 18.53
CA MET E 53 13.41 14.94 19.43
C MET E 53 14.56 14.26 18.62
N LEU E 54 14.21 13.42 17.63
CA LEU E 54 15.23 12.83 16.71
C LEU E 54 15.91 13.91 15.89
N VAL E 55 15.17 14.91 15.47
CA VAL E 55 15.78 16.04 14.71
C VAL E 55 16.80 16.79 15.58
N GLU E 56 16.49 16.95 16.84
CA GLU E 56 17.38 17.63 17.75
C GLU E 56 18.70 16.87 17.86
N LYS E 57 18.63 15.54 17.93
CA LYS E 57 19.83 14.69 18.01
C LYS E 57 20.63 14.73 16.73
N ILE E 58 19.95 14.70 15.60
CA ILE E 58 20.58 14.83 14.30
C ILE E 58 21.33 16.18 14.19
N MET E 59 20.69 17.25 14.63
CA MET E 59 21.30 18.60 14.58
C MET E 59 22.57 18.60 15.41
N ASN E 60 22.50 18.12 16.67
CA ASN E 60 23.69 18.10 17.52
C ASN E 60 24.79 17.17 16.99
N ASP E 61 24.40 16.03 16.40
CA ASP E 61 25.38 15.18 15.73
C ASP E 61 26.04 15.89 14.53
N LEU E 62 25.27 16.55 13.71
CA LEU E 62 25.83 17.12 12.46
C LEU E 62 26.60 18.42 12.66
N ASP E 63 26.23 19.18 13.70
CA ASP E 63 26.89 20.47 13.94
C ASP E 63 28.19 20.26 14.70
N SER E 64 29.19 19.70 14.00
N SER E 64 29.19 19.69 14.03
CA SER E 64 30.45 19.30 14.63
CA SER E 64 30.42 19.30 14.74
C SER E 64 31.14 20.52 15.23
C SER E 64 31.29 20.49 15.15
N ASN E 65 31.11 21.66 14.55
CA ASN E 65 31.87 22.84 15.01
C ASN E 65 31.08 23.76 15.92
N LYS E 66 29.89 23.31 16.31
CA LYS E 66 29.16 23.97 17.38
C LYS E 66 28.83 25.45 17.05
N ASP E 67 28.55 25.73 15.78
CA ASP E 67 28.10 27.09 15.39
C ASP E 67 26.58 27.27 15.26
N ASN E 68 25.84 26.26 15.74
CA ASN E 68 24.40 26.22 15.67
C ASN E 68 23.82 26.12 14.23
N GLU E 69 24.60 25.59 13.30
CA GLU E 69 24.22 25.51 11.88
C GLU E 69 24.76 24.25 11.34
N VAL E 70 24.14 23.73 10.28
CA VAL E 70 24.72 22.64 9.50
C VAL E 70 25.16 23.21 8.14
N ASP E 71 26.47 23.32 7.94
CA ASP E 71 26.99 23.82 6.68
C ASP E 71 27.01 22.68 5.66
N PHE E 72 27.37 23.00 4.40
CA PHE E 72 27.35 21.97 3.38
C PHE E 72 28.25 20.79 3.73
N ASN E 73 29.45 21.07 4.21
N ASN E 73 29.47 21.06 4.22
CA ASN E 73 30.36 20.01 4.62
CA ASN E 73 30.38 20.00 4.65
C ASN E 73 29.68 19.07 5.63
C ASN E 73 29.69 19.06 5.64
N GLU E 74 29.06 19.66 6.66
CA GLU E 74 28.38 18.90 7.68
C GLU E 74 27.19 18.13 7.11
N PHE E 75 26.45 18.71 6.16
CA PHE E 75 25.32 18.06 5.54
C PHE E 75 25.79 16.84 4.71
N VAL E 76 26.89 16.99 3.99
CA VAL E 76 27.36 15.86 3.19
C VAL E 76 27.78 14.70 4.10
N VAL E 77 28.21 14.98 5.34
CA VAL E 77 28.48 13.91 6.31
C VAL E 77 27.21 13.08 6.51
N LEU E 78 26.06 13.76 6.60
CA LEU E 78 24.81 13.00 6.77
C LEU E 78 24.51 12.15 5.55
N VAL E 79 24.59 12.79 4.37
CA VAL E 79 24.18 12.12 3.17
C VAL E 79 25.07 10.92 2.92
N ALA E 80 26.37 11.07 3.16
CA ALA E 80 27.32 9.98 3.04
C ALA E 80 26.94 8.83 3.95
N ALA E 81 26.73 9.10 5.25
CA ALA E 81 26.39 8.06 6.21
C ALA E 81 25.11 7.32 5.79
N LEU E 82 24.05 8.05 5.39
CA LEU E 82 22.81 7.37 4.96
C LEU E 82 22.96 6.60 3.69
N THR E 83 23.75 7.13 2.74
CA THR E 83 23.98 6.42 1.49
C THR E 83 24.73 5.11 1.69
N VAL E 84 25.78 5.19 2.48
CA VAL E 84 26.56 4.02 2.86
C VAL E 84 25.67 2.95 3.57
N ALA E 85 24.82 3.42 4.50
CA ALA E 85 23.92 2.49 5.24
C ALA E 85 22.96 1.80 4.25
N CYS E 86 22.43 2.59 3.30
CA CYS E 86 21.45 2.09 2.29
C CYS E 86 22.17 1.11 1.36
N ASN E 87 23.36 1.47 0.95
CA ASN E 87 24.16 0.61 0.08
C ASN E 87 24.39 -0.72 0.75
N ASP E 88 24.79 -0.65 2.00
CA ASP E 88 24.98 -1.88 2.83
C ASP E 88 23.72 -2.74 2.87
N PHE E 89 22.59 -2.11 3.14
CA PHE E 89 21.33 -2.84 3.22
C PHE E 89 21.03 -3.63 1.92
N PHE E 90 21.19 -2.95 0.81
CA PHE E 90 20.94 -3.56 -0.47
C PHE E 90 21.88 -4.72 -0.71
N GLN E 91 23.16 -4.54 -0.41
CA GLN E 91 24.16 -5.61 -0.59
C GLN E 91 23.85 -6.83 0.29
N GLU E 92 23.46 -6.59 1.55
CA GLU E 92 23.21 -7.70 2.51
C GLU E 92 21.95 -8.43 2.17
N GLN E 93 20.96 -7.71 1.64
CA GLN E 93 19.76 -8.38 1.16
C GLN E 93 20.10 -9.23 -0.07
N GLN E 94 20.98 -8.78 -0.95
CA GLN E 94 21.40 -9.61 -2.10
C GLN E 94 22.25 -10.79 -1.64
N LYS E 95 23.15 -10.57 -0.66
CA LYS E 95 23.94 -11.68 -0.13
C LYS E 95 23.04 -12.72 0.55
N LYS E 96 22.08 -12.25 1.36
CA LYS E 96 21.12 -13.10 2.08
C LYS E 96 20.26 -14.03 1.20
N ARG E 97 19.86 -13.54 0.03
N ARG E 97 19.86 -13.56 0.03
CA ARG E 97 19.12 -14.36 -0.93
CA ARG E 97 19.12 -14.41 -0.89
C ARG E 97 20.06 -15.32 -1.65
C ARG E 97 20.06 -15.32 -1.69
N SER E 98 21.33 -14.95 -1.80
CA SER E 98 22.34 -15.83 -2.44
C SER E 98 22.81 -16.94 -1.50
N PRO F 2 11.33 9.37 -6.04
CA PRO F 2 10.99 9.86 -4.69
C PRO F 2 11.45 11.34 -4.49
N SER F 3 11.89 11.68 -3.27
CA SER F 3 12.48 12.96 -3.01
C SER F 3 13.69 13.16 -3.91
N LYS F 4 14.03 14.41 -4.12
CA LYS F 4 15.20 14.73 -4.94
C LYS F 4 16.47 14.20 -4.26
N LEU F 5 16.52 14.31 -2.93
CA LEU F 5 17.69 13.88 -2.21
C LEU F 5 17.85 12.36 -2.34
N GLU F 6 16.78 11.60 -2.14
CA GLU F 6 16.95 10.13 -2.18
C GLU F 6 17.18 9.60 -3.62
N GLY F 7 16.63 10.30 -4.60
CA GLY F 7 17.01 10.07 -5.98
C GLY F 7 18.51 10.19 -6.19
N ALA F 8 19.14 11.23 -5.66
CA ALA F 8 20.59 11.42 -5.78
C ALA F 8 21.35 10.29 -5.10
N MET F 9 20.92 9.94 -3.90
CA MET F 9 21.52 8.84 -3.12
C MET F 9 21.44 7.57 -3.89
N ASP F 10 20.27 7.31 -4.45
CA ASP F 10 20.07 6.09 -5.25
C ASP F 10 21.05 6.08 -6.44
N ALA F 11 21.21 7.23 -7.06
CA ALA F 11 22.14 7.38 -8.20
C ALA F 11 23.59 7.11 -7.84
N LEU F 12 24.03 7.56 -6.67
CA LEU F 12 25.40 7.27 -6.20
C LEU F 12 25.63 5.75 -6.10
N ILE F 13 24.64 5.07 -5.51
CA ILE F 13 24.65 3.64 -5.38
C ILE F 13 24.67 2.96 -6.74
N THR F 14 23.71 3.31 -7.60
CA THR F 14 23.67 2.78 -8.97
C THR F 14 24.97 3.00 -9.76
N VAL F 15 25.52 4.21 -9.78
CA VAL F 15 26.75 4.46 -10.47
C VAL F 15 27.84 3.52 -9.96
N PHE F 16 27.97 3.39 -8.65
CA PHE F 16 29.07 2.61 -8.12
C PHE F 16 28.94 1.18 -8.67
N HIS F 17 27.74 0.63 -8.57
CA HIS F 17 27.50 -0.74 -8.91
C HIS F 17 27.52 -0.95 -10.41
N ASN F 18 27.35 0.13 -11.18
CA ASN F 18 27.49 0.07 -12.61
C ASN F 18 28.91 -0.29 -13.01
N TYR F 19 29.89 0.01 -12.16
CA TYR F 19 31.26 -0.26 -12.50
C TYR F 19 31.96 -1.29 -11.61
N SER F 20 31.39 -1.62 -10.45
CA SER F 20 32.12 -2.40 -9.44
C SER F 20 32.06 -3.88 -9.75
N GLY F 21 31.17 -4.25 -10.65
CA GLY F 21 30.82 -5.64 -10.87
C GLY F 21 31.48 -6.30 -12.04
N SER F 22 32.47 -5.68 -12.66
CA SER F 22 33.16 -6.29 -13.78
C SER F 22 34.13 -7.40 -13.41
N GLU F 23 34.86 -7.25 -12.30
CA GLU F 23 35.91 -8.19 -11.90
C GLU F 23 36.14 -8.11 -10.40
N GLY F 24 36.82 -9.11 -9.86
CA GLY F 24 37.04 -9.14 -8.41
C GLY F 24 35.76 -9.00 -7.59
N ASP F 25 35.89 -8.46 -6.40
CA ASP F 25 34.73 -8.18 -5.56
C ASP F 25 33.68 -7.40 -6.38
N LYS F 26 32.46 -7.93 -6.39
CA LYS F 26 31.32 -7.32 -7.05
C LYS F 26 30.97 -5.93 -6.45
N TYR F 27 31.35 -5.72 -5.21
CA TYR F 27 31.03 -4.51 -4.43
C TYR F 27 32.26 -3.61 -4.13
N LYS F 28 33.38 -3.80 -4.85
CA LYS F 28 34.47 -2.84 -4.82
C LYS F 28 35.03 -2.62 -6.22
N LEU F 29 35.65 -1.45 -6.37
CA LEU F 29 36.23 -1.00 -7.60
C LEU F 29 37.71 -1.33 -7.60
N SER F 30 38.09 -2.09 -8.60
CA SER F 30 39.50 -2.26 -8.93
CA SER F 30 39.46 -2.27 -9.00
C SER F 30 40.01 -0.92 -9.49
N LYS F 31 41.33 -0.78 -9.57
CA LYS F 31 41.92 0.35 -10.26
C LYS F 31 41.28 0.46 -11.67
N GLY F 32 41.22 -0.67 -12.41
CA GLY F 32 40.59 -0.73 -13.74
C GLY F 32 39.18 -0.19 -13.77
N GLU F 33 38.35 -0.67 -12.85
CA GLU F 33 36.95 -0.22 -12.75
C GLU F 33 36.79 1.24 -12.33
N LEU F 34 37.67 1.67 -11.44
CA LEU F 34 37.71 3.06 -11.00
C LEU F 34 38.04 3.97 -12.15
N LYS F 35 39.03 3.59 -12.95
CA LYS F 35 39.46 4.34 -14.12
C LYS F 35 38.33 4.55 -15.08
N GLU F 36 37.61 3.48 -15.32
CA GLU F 36 36.42 3.47 -16.16
C GLU F 36 35.37 4.46 -15.65
N LEU F 37 35.11 4.38 -14.36
CA LEU F 37 34.15 5.25 -13.71
C LEU F 37 34.58 6.72 -13.86
N LEU F 38 35.84 6.98 -13.55
CA LEU F 38 36.44 8.33 -13.65
C LEU F 38 36.31 8.88 -15.08
N ASN F 39 36.61 8.02 -16.05
CA ASN F 39 36.59 8.45 -17.45
C ASN F 39 35.15 8.69 -17.94
N ALA F 40 34.20 7.88 -17.47
CA ALA F 40 32.80 8.00 -17.91
C ALA F 40 32.02 9.09 -17.13
N GLU F 41 32.31 9.26 -15.83
CA GLU F 41 31.44 10.00 -14.88
C GLU F 41 32.01 11.33 -14.43
N LEU F 42 33.33 11.41 -14.39
CA LEU F 42 34.04 12.60 -13.87
C LEU F 42 35.07 13.12 -14.85
N THR F 43 34.75 13.05 -16.14
N THR F 43 34.73 13.07 -16.14
CA THR F 43 35.72 13.40 -17.18
CA THR F 43 35.68 13.39 -17.21
C THR F 43 36.14 14.86 -17.11
C THR F 43 36.13 14.85 -17.14
N ASP F 44 35.21 15.75 -16.76
CA ASP F 44 35.53 17.17 -16.59
C ASP F 44 36.65 17.41 -15.54
N PHE F 45 36.68 16.60 -14.49
CA PHE F 45 37.77 16.69 -13.52
C PHE F 45 39.12 16.27 -14.09
N LEU F 46 39.11 15.42 -15.14
CA LEU F 46 40.33 15.05 -15.84
C LEU F 46 40.56 15.93 -17.07
N MET F 47 39.83 17.04 -17.16
CA MET F 47 39.86 17.93 -18.32
C MET F 47 39.66 17.18 -19.67
N SER F 48 38.84 16.14 -19.60
CA SER F 48 38.62 15.23 -20.71
C SER F 48 39.89 14.70 -21.36
N GLN F 49 41.01 14.71 -20.62
CA GLN F 49 42.19 13.99 -21.03
C GLN F 49 42.19 12.67 -20.29
N LYS F 50 42.86 11.68 -20.91
CA LYS F 50 43.18 10.44 -20.23
C LYS F 50 44.41 10.77 -19.41
N ASP F 51 44.36 10.48 -18.12
CA ASP F 51 45.41 10.91 -17.17
C ASP F 51 45.73 9.74 -16.18
N PRO F 52 46.45 8.74 -16.66
CA PRO F 52 46.64 7.54 -15.82
C PRO F 52 47.56 7.77 -14.62
N MET F 53 48.50 8.72 -14.68
CA MET F 53 49.28 9.06 -13.51
C MET F 53 48.36 9.66 -12.44
N LEU F 54 47.41 10.50 -12.87
CA LEU F 54 46.38 11.02 -11.95
C LEU F 54 45.43 9.93 -11.41
N VAL F 55 45.03 8.96 -12.23
CA VAL F 55 44.22 7.86 -11.72
C VAL F 55 44.96 7.01 -10.66
N GLU F 56 46.23 6.78 -10.93
CA GLU F 56 47.09 6.06 -9.97
C GLU F 56 47.05 6.76 -8.63
N LYS F 57 47.24 8.08 -8.65
CA LYS F 57 47.23 8.85 -7.41
C LYS F 57 45.85 8.84 -6.72
N ILE F 58 44.77 8.98 -7.49
CA ILE F 58 43.42 8.92 -6.96
C ILE F 58 43.19 7.57 -6.31
N MET F 59 43.65 6.52 -6.98
CA MET F 59 43.51 5.15 -6.45
C MET F 59 44.21 5.04 -5.09
N ASN F 60 45.46 5.50 -5.02
CA ASN F 60 46.20 5.45 -3.77
C ASN F 60 45.60 6.29 -2.69
N ASP F 61 45.09 7.47 -3.03
CA ASP F 61 44.42 8.26 -2.04
C ASP F 61 43.15 7.62 -1.48
N LEU F 62 42.30 7.10 -2.34
CA LEU F 62 41.01 6.53 -1.93
C LEU F 62 41.10 5.19 -1.23
N ASP F 63 42.16 4.46 -1.52
CA ASP F 63 42.31 3.15 -0.91
C ASP F 63 42.98 3.26 0.45
N SER F 64 42.27 3.82 1.42
CA SER F 64 42.83 4.08 2.73
C SER F 64 43.25 2.84 3.47
N ASN F 65 42.55 1.71 3.27
CA ASN F 65 42.89 0.48 3.97
C ASN F 65 43.86 -0.47 3.21
N LYS F 66 44.37 0.02 2.07
CA LYS F 66 45.43 -0.67 1.36
C LYS F 66 45.03 -2.07 0.94
N ASP F 67 43.80 -2.26 0.47
CA ASP F 67 43.43 -3.57 -0.01
C ASP F 67 43.39 -3.62 -1.52
N ASN F 68 43.90 -2.60 -2.19
CA ASN F 68 43.93 -2.55 -3.65
C ASN F 68 42.52 -2.44 -4.33
N GLU F 69 41.56 -1.97 -3.57
CA GLU F 69 40.19 -1.79 -4.05
C GLU F 69 39.67 -0.49 -3.47
N VAL F 70 38.73 0.12 -4.18
CA VAL F 70 37.93 1.21 -3.64
C VAL F 70 36.52 0.68 -3.35
N ASP F 71 36.25 0.48 -2.06
CA ASP F 71 34.93 0.04 -1.59
C ASP F 71 33.96 1.22 -1.54
N PHE F 72 32.71 0.93 -1.21
CA PHE F 72 31.70 1.98 -1.38
C PHE F 72 31.95 3.13 -0.44
N ASN F 73 32.36 2.86 0.79
N ASN F 73 32.33 2.83 0.81
CA ASN F 73 32.69 3.94 1.70
CA ASN F 73 32.74 3.86 1.77
C ASN F 73 33.84 4.81 1.15
C ASN F 73 33.81 4.79 1.14
N GLU F 74 34.87 4.17 0.60
CA GLU F 74 35.96 4.91 0.02
C GLU F 74 35.54 5.73 -1.21
N PHE F 75 34.61 5.20 -1.99
CA PHE F 75 34.04 5.87 -3.11
C PHE F 75 33.24 7.11 -2.66
N VAL F 76 32.50 6.97 -1.57
CA VAL F 76 31.75 8.07 -1.05
C VAL F 76 32.66 9.19 -0.52
N VAL F 77 33.84 8.86 0.03
CA VAL F 77 34.85 9.88 0.39
C VAL F 77 35.20 10.80 -0.81
N LEU F 78 35.40 10.16 -1.97
CA LEU F 78 35.66 10.84 -3.24
C LEU F 78 34.48 11.77 -3.62
N VAL F 79 33.29 11.19 -3.70
CA VAL F 79 32.14 11.91 -4.09
C VAL F 79 31.84 13.06 -3.11
N ALA F 80 31.91 12.81 -1.79
CA ALA F 80 31.75 13.90 -0.82
C ALA F 80 32.75 15.00 -1.08
N ALA F 81 34.05 14.64 -1.17
CA ALA F 81 35.11 15.64 -1.36
C ALA F 81 34.89 16.50 -2.64
N LEU F 82 34.57 15.86 -3.76
CA LEU F 82 34.34 16.62 -5.00
C LEU F 82 33.06 17.47 -4.97
N THR F 83 31.99 16.98 -4.32
CA THR F 83 30.78 17.76 -4.23
C THR F 83 30.97 18.97 -3.35
N VAL F 84 31.59 18.79 -2.19
CA VAL F 84 31.95 19.91 -1.34
C VAL F 84 32.80 20.94 -2.08
N ALA F 85 33.84 20.49 -2.79
CA ALA F 85 34.69 21.40 -3.63
C ALA F 85 33.85 22.22 -4.62
N CYS F 86 32.91 21.56 -5.28
CA CYS F 86 32.03 22.17 -6.27
C CYS F 86 31.09 23.17 -5.62
N ASN F 87 30.49 22.77 -4.51
CA ASN F 87 29.65 23.66 -3.71
C ASN F 87 30.42 24.92 -3.29
N ASP F 88 31.65 24.73 -2.79
CA ASP F 88 32.44 25.85 -2.33
C ASP F 88 32.82 26.79 -3.49
N PHE F 89 33.08 26.20 -4.67
CA PHE F 89 33.41 26.95 -5.88
C PHE F 89 32.24 27.89 -6.23
N PHE F 90 31.04 27.33 -6.35
CA PHE F 90 29.85 28.13 -6.65
C PHE F 90 29.55 29.20 -5.59
N GLN F 91 29.72 28.87 -4.31
CA GLN F 91 29.54 29.90 -3.28
C GLN F 91 30.57 31.00 -3.40
N GLU F 92 31.81 30.62 -3.68
CA GLU F 92 32.87 31.62 -3.80
C GLU F 92 32.66 32.53 -4.98
N GLN F 93 32.23 31.96 -6.11
N GLN F 93 32.24 31.95 -6.11
CA GLN F 93 31.92 32.77 -7.29
CA GLN F 93 31.92 32.76 -7.29
C GLN F 93 30.81 33.80 -6.99
C GLN F 93 30.81 33.79 -6.98
N GLN F 94 29.77 33.37 -6.27
CA GLN F 94 28.71 34.31 -5.79
C GLN F 94 29.25 35.41 -4.86
N LYS F 95 30.04 35.00 -3.86
CA LYS F 95 30.68 35.93 -2.91
C LYS F 95 31.58 36.92 -3.68
N LYS F 96 32.38 36.44 -4.62
CA LYS F 96 33.21 37.31 -5.52
C LYS F 96 32.32 38.33 -6.31
N ARG F 97 31.23 37.84 -6.87
CA ARG F 97 30.35 38.67 -7.67
C ARG F 97 29.70 39.73 -6.84
N SER F 98 29.42 39.40 -5.57
CA SER F 98 28.71 40.31 -4.70
C SER F 98 29.57 41.48 -4.25
N LYS F 99 30.88 41.30 -4.28
CA LYS F 99 31.82 42.37 -3.96
C LYS F 99 31.82 43.32 -5.14
CA CA G . -30.48 -12.32 16.79
CA CA H . -35.31 -18.24 8.47
C1 IPA I . -44.05 13.78 -12.07
C2 IPA I . -42.83 13.44 -11.26
C3 IPA I . -41.80 12.64 -12.06
O2 IPA I . -42.29 14.64 -10.73
CA CA J . -29.55 1.73 -21.24
CA CA K . -32.72 -8.88 -19.22
CA CA L . 0.11 -16.87 -14.41
CA CA M . 4.15 -22.36 -5.50
C1 IPA N . 18.25 10.25 9.87
C2 IPA N . 18.82 8.94 10.45
C3 IPA N . 17.78 8.39 11.43
O2 IPA N . 20.10 9.14 11.04
CA CA O . 3.97 1.35 21.59
CA CA P . 4.84 -9.75 20.55
C1 IPA Q . -13.15 -8.81 0.91
C2 IPA Q . -14.42 -8.03 0.72
C3 IPA Q . -15.62 -8.71 1.36
O2 IPA Q . -14.23 -6.83 1.35
CA CA R . 20.19 29.38 6.51
CA CA S . 28.11 23.73 12.06
C1 IPA T . 15.00 1.58 0.74
C2 IPA T . 15.59 1.58 2.13
C3 IPA T . 15.08 0.40 2.92
O2 IPA T . 17.01 1.52 2.01
CA CA U . 35.12 -5.06 -8.69
CA CA V . 40.20 -0.13 -0.05
C1 IPA W . 32.11 22.77 -10.49
C2 IPA W . 32.09 23.47 -11.83
C3 IPA W . 33.43 24.08 -12.19
O2 IPA W . 31.74 22.51 -12.76
C1 IPA X . 29.41 35.50 -11.47
C2 IPA X . 28.54 34.28 -11.36
C3 IPA X . 27.38 34.21 -12.34
O2 IPA X . 28.11 34.20 -10.00
#